data_3LKN
#
_entry.id   3LKN
#
_cell.length_a   51.220
_cell.length_b   82.290
_cell.length_c   110.930
_cell.angle_alpha   90.000
_cell.angle_beta   90.000
_cell.angle_gamma   90.000
#
_symmetry.space_group_name_H-M   'P 21 21 21'
#
loop_
_entity.id
_entity.type
_entity.pdbx_description
1 polymer 'HLA class I histocompatibility antigen, B-35 alpha chain'
2 polymer Beta-2-microglobulin
3 polymer 'NP418 epitope from 1918 influenza strain'
4 water water
#
loop_
_entity_poly.entity_id
_entity_poly.type
_entity_poly.pdbx_seq_one_letter_code
_entity_poly.pdbx_strand_id
1 'polypeptide(L)'
;GSHSMRYFYTAMSRPGRGEPRFIAVGYVDDTQFVRFDSDAASPRTEPRAPWIEQEGPEYWDRNTQIFKTNTQTYRESLRN
LRGYYNQSEAGSHIIQRMYGCDLGPDGRLLRGHDQSAYDGKDYIALNEDLSSWTAADTAAQITQRKWEAARVAEQLRAYL
EGLCVEWLRRYLENGKETLQRADPPKTHVTHHPVSDHEATLRCWALGFYPAEITLTWQRDGEDQTQDTELVETRPAGDRT
FQKWAAVVVPSGEEQRYTCHVQHEGLPKPLTLRWEP
;
A
2 'polypeptide(L)'
;MIQRTPKIQVYSRHPAENGKSNFLNCYVSGFHPSDIEVDLLKNGERIEKVEHSDLSFSKDWSFYLLYYTEFTPTEKDEYA
CRVNHVTLSQPKIVKWDRDM
;
B
3 'polypeptide(L)' LPFERATIM C
#
# COMPACT_ATOMS: atom_id res chain seq x y z
N GLY A 1 0.97 19.69 -6.07
CA GLY A 1 0.44 19.23 -7.38
C GLY A 1 1.37 18.26 -8.11
N SER A 2 2.25 17.59 -7.36
CA SER A 2 3.08 16.50 -7.92
C SER A 2 2.26 15.23 -7.96
N HIS A 3 2.37 14.49 -9.07
CA HIS A 3 1.54 13.30 -9.26
C HIS A 3 2.30 12.12 -9.85
N SER A 4 1.82 10.91 -9.58
CA SER A 4 2.46 9.74 -10.16
C SER A 4 1.46 8.65 -10.52
N MET A 5 1.86 7.77 -11.42
CA MET A 5 1.08 6.57 -11.74
C MET A 5 1.98 5.36 -11.53
N ARG A 6 1.43 4.30 -10.94
CA ARG A 6 2.19 3.06 -10.76
C ARG A 6 1.31 1.87 -11.05
N TYR A 7 1.87 0.85 -11.68
CA TYR A 7 1.25 -0.47 -11.67
C TYR A 7 2.07 -1.41 -10.82
N PHE A 8 1.38 -2.31 -10.10
CA PHE A 8 1.99 -3.27 -9.19
C PHE A 8 1.56 -4.67 -9.60
N TYR A 9 2.55 -5.53 -9.91
CA TYR A 9 2.31 -6.90 -10.37
C TYR A 9 2.80 -7.83 -9.31
N THR A 10 1.99 -8.83 -8.94
CA THR A 10 2.44 -9.91 -8.04
C THR A 10 2.14 -11.22 -8.74
N ALA A 11 3.18 -12.02 -8.96
CA ALA A 11 3.03 -13.38 -9.44
C ALA A 11 3.57 -14.41 -8.46
N MET A 12 2.68 -15.33 -8.08
CA MET A 12 2.95 -16.29 -7.02
C MET A 12 2.68 -17.75 -7.44
N SER A 13 3.74 -18.58 -7.40
CA SER A 13 3.59 -20.02 -7.60
C SER A 13 3.02 -20.70 -6.35
N ARG A 14 2.42 -21.86 -6.53
CA ARG A 14 1.84 -22.58 -5.41
C ARG A 14 1.82 -24.07 -5.80
N PRO A 15 2.99 -24.73 -5.70
CA PRO A 15 3.08 -26.12 -6.23
C PRO A 15 2.06 -26.99 -5.55
N GLY A 16 1.33 -27.75 -6.37
CA GLY A 16 0.31 -28.69 -5.86
C GLY A 16 -1.07 -28.07 -5.73
N ARG A 17 -1.17 -26.78 -6.05
CA ARG A 17 -2.41 -26.04 -5.91
C ARG A 17 -2.71 -25.21 -7.14
N GLY A 18 -2.41 -25.79 -8.30
CA GLY A 18 -2.65 -25.14 -9.59
C GLY A 18 -1.50 -24.28 -10.11
N GLU A 19 -1.82 -23.51 -11.13
CA GLU A 19 -0.87 -22.65 -11.79
C GLU A 19 -0.69 -21.34 -10.99
N PRO A 20 0.44 -20.64 -11.22
CA PRO A 20 0.68 -19.42 -10.45
C PRO A 20 -0.36 -18.33 -10.66
N ARG A 21 -0.70 -17.66 -9.56
CA ARG A 21 -1.69 -16.60 -9.60
C ARG A 21 -0.96 -15.31 -10.01
N PHE A 22 -1.56 -14.56 -10.94
CA PHE A 22 -1.07 -13.24 -11.32
C PHE A 22 -2.09 -12.14 -11.01
N ILE A 23 -1.68 -11.10 -10.29
N ILE A 23 -1.66 -11.14 -10.24
CA ILE A 23 -2.59 -9.99 -10.06
CA ILE A 23 -2.48 -9.95 -9.94
C ILE A 23 -1.91 -8.66 -10.29
C ILE A 23 -1.80 -8.68 -10.44
N ALA A 24 -2.58 -7.79 -11.06
CA ALA A 24 -2.09 -6.45 -11.35
C ALA A 24 -3.06 -5.47 -10.70
N VAL A 25 -2.53 -4.40 -10.07
CA VAL A 25 -3.31 -3.24 -9.69
C VAL A 25 -2.65 -1.96 -10.19
N GLY A 26 -3.45 -0.94 -10.50
CA GLY A 26 -2.95 0.36 -10.95
C GLY A 26 -3.42 1.47 -10.03
N TYR A 27 -2.53 2.43 -9.79
CA TYR A 27 -2.76 3.57 -8.89
C TYR A 27 -2.42 4.86 -9.57
N VAL A 28 -3.18 5.91 -9.24
CA VAL A 28 -2.70 7.29 -9.39
C VAL A 28 -2.52 7.82 -7.97
N ASP A 29 -1.29 8.12 -7.59
CA ASP A 29 -0.99 8.60 -6.23
C ASP A 29 -1.49 7.55 -5.24
N ASP A 30 -2.31 7.94 -4.26
CA ASP A 30 -2.86 6.96 -3.33
C ASP A 30 -4.23 6.41 -3.71
N THR A 31 -4.61 6.55 -4.97
CA THR A 31 -5.90 6.06 -5.38
C THR A 31 -5.76 4.87 -6.31
N GLN A 32 -6.21 3.69 -5.90
CA GLN A 32 -6.28 2.58 -6.84
C GLN A 32 -7.39 2.79 -7.88
N PHE A 33 -7.15 2.43 -9.13
CA PHE A 33 -8.20 2.60 -10.15
C PHE A 33 -8.59 1.39 -11.01
N VAL A 34 -7.75 0.34 -11.03
CA VAL A 34 -8.02 -0.90 -11.84
C VAL A 34 -7.40 -2.08 -11.11
N ARG A 35 -7.97 -3.26 -11.34
CA ARG A 35 -7.42 -4.54 -10.91
C ARG A 35 -7.66 -5.59 -11.98
N PHE A 36 -6.81 -6.61 -11.92
CA PHE A 36 -6.97 -7.81 -12.69
C PHE A 36 -6.48 -8.96 -11.81
N ASP A 37 -7.24 -10.06 -11.78
CA ASP A 37 -6.89 -11.21 -10.95
C ASP A 37 -7.07 -12.51 -11.77
N SER A 38 -5.98 -13.21 -12.08
CA SER A 38 -6.06 -14.45 -12.88
C SER A 38 -6.89 -15.51 -12.16
N ASP A 39 -7.04 -15.39 -10.84
CA ASP A 39 -7.95 -16.28 -10.11
C ASP A 39 -9.45 -15.96 -10.18
N ALA A 40 -9.84 -14.74 -10.57
CA ALA A 40 -11.24 -14.35 -10.55
C ALA A 40 -12.07 -15.25 -11.47
N ALA A 41 -13.35 -15.45 -11.10
CA ALA A 41 -14.22 -16.38 -11.84
C ALA A 41 -14.11 -16.17 -13.35
N SER A 42 -14.15 -14.89 -13.76
N SER A 42 -14.13 -14.90 -13.77
CA SER A 42 -13.96 -14.48 -15.15
CA SER A 42 -13.95 -14.55 -15.19
C SER A 42 -12.86 -13.40 -15.19
C SER A 42 -12.91 -13.43 -15.34
N PRO A 43 -11.62 -13.79 -15.52
CA PRO A 43 -10.49 -12.86 -15.45
C PRO A 43 -10.56 -11.73 -16.45
N ARG A 44 -10.69 -10.51 -15.93
CA ARG A 44 -10.82 -9.32 -16.74
C ARG A 44 -10.45 -8.12 -15.89
N THR A 45 -9.97 -7.08 -16.56
CA THR A 45 -9.64 -5.84 -15.88
C THR A 45 -10.94 -5.23 -15.40
N GLU A 46 -11.00 -4.87 -14.12
CA GLU A 46 -12.17 -4.23 -13.53
C GLU A 46 -11.85 -2.82 -12.98
N PRO A 47 -12.83 -1.88 -13.04
CA PRO A 47 -12.61 -0.51 -12.52
C PRO A 47 -12.68 -0.51 -11.00
N ARG A 48 -11.90 0.36 -10.34
CA ARG A 48 -11.89 0.45 -8.87
C ARG A 48 -11.99 1.91 -8.39
N ALA A 49 -12.16 2.85 -9.32
CA ALA A 49 -12.51 4.24 -9.01
C ALA A 49 -13.50 4.74 -10.07
N PRO A 50 -14.47 5.60 -9.67
CA PRO A 50 -15.58 5.97 -10.58
C PRO A 50 -15.13 6.65 -11.87
N TRP A 51 -14.10 7.48 -11.78
CA TRP A 51 -13.59 8.23 -12.91
C TRP A 51 -12.97 7.40 -14.03
N ILE A 52 -12.61 6.13 -13.76
CA ILE A 52 -12.09 5.29 -14.84
C ILE A 52 -13.27 4.65 -15.62
N GLU A 53 -14.44 4.55 -15.01
CA GLU A 53 -15.55 3.76 -15.60
C GLU A 53 -16.02 4.29 -16.95
N GLN A 54 -15.71 5.55 -17.23
CA GLN A 54 -16.09 6.22 -18.49
C GLN A 54 -15.28 5.73 -19.69
N GLU A 55 -14.14 5.06 -19.45
CA GLU A 55 -13.33 4.53 -20.56
C GLU A 55 -14.11 3.45 -21.31
N GLY A 56 -13.93 3.39 -22.62
CA GLY A 56 -14.76 2.53 -23.48
C GLY A 56 -14.33 1.08 -23.56
N PRO A 57 -15.11 0.25 -24.27
CA PRO A 57 -14.85 -1.18 -24.32
C PRO A 57 -13.44 -1.49 -24.83
N GLU A 58 -12.93 -0.69 -25.76
CA GLU A 58 -11.60 -0.89 -26.32
C GLU A 58 -10.46 -0.68 -25.28
N TYR A 59 -10.66 0.19 -24.29
CA TYR A 59 -9.74 0.33 -23.14
C TYR A 59 -9.71 -0.98 -22.32
N TRP A 60 -10.89 -1.41 -21.85
CA TRP A 60 -11.02 -2.60 -21.03
C TRP A 60 -10.49 -3.86 -21.72
N ASP A 61 -10.85 -4.03 -22.99
CA ASP A 61 -10.32 -5.15 -23.78
C ASP A 61 -8.81 -5.08 -23.93
N ARG A 62 -8.27 -3.87 -24.10
CA ARG A 62 -6.83 -3.69 -24.27
C ARG A 62 -6.07 -4.09 -23.01
N ASN A 63 -6.57 -3.62 -21.85
CA ASN A 63 -5.94 -3.93 -20.56
C ASN A 63 -5.96 -5.43 -20.32
N THR A 64 -7.14 -6.03 -20.54
CA THR A 64 -7.34 -7.46 -20.33
C THR A 64 -6.39 -8.28 -21.20
N GLN A 65 -6.18 -7.90 -22.47
CA GLN A 65 -5.21 -8.61 -23.32
C GLN A 65 -3.77 -8.65 -22.75
N ILE A 66 -3.31 -7.51 -22.25
CA ILE A 66 -1.96 -7.33 -21.72
C ILE A 66 -1.77 -8.16 -20.42
N PHE A 67 -2.74 -8.08 -19.53
CA PHE A 67 -2.72 -8.82 -18.28
C PHE A 67 -2.86 -10.34 -18.50
N LYS A 68 -3.64 -10.74 -19.52
CA LYS A 68 -3.69 -12.17 -19.90
C LYS A 68 -2.33 -12.67 -20.44
N THR A 69 -1.68 -11.86 -21.26
CA THR A 69 -0.35 -12.23 -21.76
C THR A 69 0.65 -12.26 -20.59
N ASN A 70 0.55 -11.30 -19.67
CA ASN A 70 1.46 -11.23 -18.51
C ASN A 70 1.30 -12.45 -17.58
N THR A 71 0.06 -12.90 -17.40
CA THR A 71 -0.24 -14.09 -16.61
C THR A 71 0.61 -15.30 -17.11
N GLN A 72 0.68 -15.47 -18.43
CA GLN A 72 1.40 -16.58 -19.07
C GLN A 72 2.93 -16.32 -19.05
N THR A 73 3.32 -15.08 -19.36
CA THR A 73 4.74 -14.69 -19.33
C THR A 73 5.36 -14.91 -17.92
N TYR A 74 4.63 -14.48 -16.90
CA TYR A 74 5.13 -14.57 -15.52
C TYR A 74 5.16 -16.01 -15.02
N ARG A 75 4.26 -16.84 -15.53
CA ARG A 75 4.34 -18.28 -15.26
C ARG A 75 5.68 -18.88 -15.77
N GLU A 76 6.11 -18.50 -16.97
N GLU A 76 6.11 -18.53 -16.97
CA GLU A 76 7.41 -18.94 -17.47
CA GLU A 76 7.43 -18.95 -17.47
C GLU A 76 8.58 -18.33 -16.68
C GLU A 76 8.57 -18.33 -16.67
N SER A 77 8.45 -17.06 -16.32
CA SER A 77 9.48 -16.40 -15.50
C SER A 77 9.73 -17.07 -14.15
N LEU A 78 8.66 -17.45 -13.48
CA LEU A 78 8.74 -18.20 -12.24
C LEU A 78 9.51 -19.51 -12.44
N ARG A 79 9.25 -20.20 -13.53
CA ARG A 79 9.94 -21.44 -13.85
C ARG A 79 11.38 -21.10 -14.08
N ASN A 80 11.63 -20.01 -14.77
CA ASN A 80 12.99 -19.66 -15.14
C ASN A 80 13.81 -19.30 -13.92
N LEU A 81 13.24 -18.46 -13.06
CA LEU A 81 13.96 -18.04 -11.88
C LEU A 81 14.20 -19.16 -10.88
N ARG A 82 13.26 -20.10 -10.74
N ARG A 82 13.24 -20.09 -10.75
CA ARG A 82 13.49 -21.26 -9.88
CA ARG A 82 13.41 -21.30 -9.94
C ARG A 82 14.76 -21.99 -10.35
C ARG A 82 14.71 -22.01 -10.35
N GLY A 83 14.87 -22.21 -11.67
CA GLY A 83 16.12 -22.72 -12.27
C GLY A 83 17.38 -21.91 -11.97
N TYR A 84 17.28 -20.58 -12.08
CA TYR A 84 18.49 -19.72 -11.91
C TYR A 84 19.08 -19.86 -10.53
N TYR A 85 18.24 -20.22 -9.57
CA TYR A 85 18.67 -20.32 -8.18
C TYR A 85 18.80 -21.77 -7.75
N ASN A 86 18.71 -22.71 -8.70
CA ASN A 86 18.77 -24.15 -8.36
C ASN A 86 17.74 -24.57 -7.27
N GLN A 87 16.54 -24.01 -7.33
CA GLN A 87 15.54 -24.25 -6.27
C GLN A 87 14.68 -25.45 -6.59
N SER A 88 14.12 -26.07 -5.57
CA SER A 88 13.39 -27.30 -5.77
C SER A 88 11.97 -26.94 -6.23
N GLU A 89 11.34 -27.88 -6.92
CA GLU A 89 9.98 -27.71 -7.43
C GLU A 89 8.93 -27.61 -6.30
N ALA A 90 9.35 -27.83 -5.05
CA ALA A 90 8.39 -27.86 -3.90
C ALA A 90 7.97 -26.55 -3.24
N GLY A 91 8.80 -25.52 -3.28
CA GLY A 91 8.45 -24.30 -2.56
C GLY A 91 7.69 -23.29 -3.41
N SER A 92 7.01 -22.41 -2.73
CA SER A 92 6.26 -21.34 -3.37
C SER A 92 7.16 -20.08 -3.49
N HIS A 93 7.05 -19.36 -4.60
CA HIS A 93 7.91 -18.21 -4.81
C HIS A 93 7.13 -17.06 -5.41
N ILE A 94 7.67 -15.84 -5.28
CA ILE A 94 6.93 -14.65 -5.72
C ILE A 94 7.80 -13.76 -6.58
N ILE A 95 7.32 -13.38 -7.78
CA ILE A 95 7.89 -12.26 -8.53
C ILE A 95 6.99 -11.02 -8.38
N GLN A 96 7.60 -9.87 -8.06
CA GLN A 96 6.86 -8.63 -7.96
C GLN A 96 7.46 -7.65 -8.93
N ARG A 97 6.64 -6.73 -9.41
CA ARG A 97 7.12 -5.71 -10.33
C ARG A 97 6.38 -4.42 -10.02
N MET A 98 7.10 -3.29 -9.96
CA MET A 98 6.42 -1.98 -9.87
C MET A 98 7.05 -1.02 -10.87
N TYR A 99 6.21 -0.27 -11.59
CA TYR A 99 6.71 0.60 -12.64
C TYR A 99 5.75 1.75 -12.81
N GLY A 100 6.25 2.86 -13.35
CA GLY A 100 5.35 3.97 -13.66
C GLY A 100 6.13 5.22 -13.80
N CYS A 101 5.44 6.35 -13.76
CA CYS A 101 6.08 7.62 -14.07
C CYS A 101 5.72 8.65 -13.01
N ASP A 102 6.66 9.53 -12.68
CA ASP A 102 6.43 10.70 -11.82
C ASP A 102 6.31 12.00 -12.65
N LEU A 103 5.31 12.83 -12.36
CA LEU A 103 5.22 14.20 -12.91
C LEU A 103 5.51 15.25 -11.85
N GLY A 104 6.15 16.36 -12.24
CA GLY A 104 6.26 17.55 -11.35
C GLY A 104 4.97 18.37 -11.32
N PRO A 105 4.93 19.47 -10.50
CA PRO A 105 3.72 20.34 -10.47
C PRO A 105 3.35 21.01 -11.82
N ASP A 106 4.27 21.01 -12.78
CA ASP A 106 4.03 21.53 -14.14
C ASP A 106 3.41 20.51 -15.08
N GLY A 107 3.24 19.27 -14.60
CA GLY A 107 2.79 18.15 -15.45
C GLY A 107 3.83 17.52 -16.38
N ARG A 108 5.10 17.90 -16.23
CA ARG A 108 6.20 17.35 -17.04
C ARG A 108 6.84 16.14 -16.32
N LEU A 109 7.37 15.18 -17.10
CA LEU A 109 7.94 13.92 -16.57
C LEU A 109 9.18 14.20 -15.75
N LEU A 110 9.10 13.98 -14.43
CA LEU A 110 10.23 14.10 -13.53
C LEU A 110 11.14 12.90 -13.69
N ARG A 111 10.56 11.70 -13.68
CA ARG A 111 11.34 10.46 -13.87
C ARG A 111 10.47 9.23 -14.00
N GLY A 112 11.05 8.18 -14.56
CA GLY A 112 10.39 6.91 -14.73
C GLY A 112 10.95 5.84 -13.83
N HIS A 113 10.17 4.79 -13.60
CA HIS A 113 10.59 3.69 -12.77
C HIS A 113 10.20 2.36 -13.37
N ASP A 114 11.05 1.37 -13.17
CA ASP A 114 10.67 -0.02 -13.43
C ASP A 114 11.53 -0.96 -12.58
N GLN A 115 10.95 -1.57 -11.55
CA GLN A 115 11.74 -2.47 -10.70
C GLN A 115 11.08 -3.81 -10.49
N SER A 116 11.87 -4.87 -10.46
CA SER A 116 11.36 -6.22 -10.14
C SER A 116 12.07 -6.86 -8.97
N ALA A 117 11.36 -7.72 -8.24
CA ALA A 117 11.92 -8.39 -7.10
C ALA A 117 11.57 -9.89 -7.12
N TYR A 118 12.37 -10.69 -6.41
CA TYR A 118 12.14 -12.12 -6.26
C TYR A 118 12.20 -12.52 -4.80
N ASP A 119 11.12 -13.11 -4.33
CA ASP A 119 10.94 -13.45 -2.91
C ASP A 119 11.22 -12.26 -1.98
N GLY A 120 10.83 -11.06 -2.43
CA GLY A 120 10.90 -9.85 -1.64
C GLY A 120 12.24 -9.13 -1.65
N LYS A 121 13.16 -9.59 -2.53
CA LYS A 121 14.52 -9.04 -2.65
C LYS A 121 14.68 -8.44 -4.03
N ASP A 122 15.29 -7.25 -4.11
CA ASP A 122 15.62 -6.61 -5.38
C ASP A 122 16.25 -7.61 -6.34
N TYR A 123 15.81 -7.61 -7.59
CA TYR A 123 16.29 -8.58 -8.59
C TYR A 123 16.87 -7.82 -9.77
N ILE A 124 16.05 -7.02 -10.43
CA ILE A 124 16.49 -6.19 -11.53
C ILE A 124 15.73 -4.85 -11.52
N ALA A 125 16.42 -3.75 -11.81
CA ALA A 125 15.80 -2.42 -11.84
C ALA A 125 16.29 -1.63 -13.06
N LEU A 126 15.40 -0.92 -13.73
CA LEU A 126 15.82 0.04 -14.76
C LEU A 126 16.46 1.27 -14.07
N ASN A 127 17.64 1.68 -14.53
CA ASN A 127 18.31 2.86 -13.96
C ASN A 127 17.56 4.09 -14.42
N GLU A 128 17.79 5.20 -13.71
CA GLU A 128 17.06 6.43 -13.96
C GLU A 128 17.21 6.97 -15.39
N ASP A 129 18.35 6.63 -16.04
CA ASP A 129 18.57 6.97 -17.46
C ASP A 129 17.62 6.26 -18.43
N LEU A 130 16.84 5.29 -17.94
CA LEU A 130 15.88 4.56 -18.79
C LEU A 130 16.54 3.86 -20.00
N SER A 131 17.82 3.56 -19.88
CA SER A 131 18.58 2.93 -20.97
C SER A 131 19.42 1.72 -20.54
N SER A 132 19.58 1.51 -19.24
CA SER A 132 20.42 0.45 -18.69
C SER A 132 19.82 -0.16 -17.41
N TRP A 133 20.33 -1.33 -17.03
CA TRP A 133 19.77 -2.14 -15.93
C TRP A 133 20.75 -2.31 -14.80
N THR A 134 20.24 -2.38 -13.58
CA THR A 134 21.02 -2.85 -12.45
C THR A 134 20.54 -4.23 -12.09
N ALA A 135 21.38 -5.24 -12.28
CA ALA A 135 21.01 -6.62 -11.90
C ALA A 135 21.64 -6.99 -10.56
N ALA A 136 20.86 -7.61 -9.67
CA ALA A 136 21.32 -7.80 -8.28
C ALA A 136 22.35 -8.91 -8.09
N ASP A 137 22.35 -9.90 -8.98
CA ASP A 137 23.20 -11.09 -8.81
C ASP A 137 23.33 -11.80 -10.15
N THR A 138 24.01 -12.95 -10.17
CA THR A 138 24.32 -13.64 -11.43
C THR A 138 23.06 -14.21 -12.10
N ALA A 139 22.05 -14.50 -11.27
CA ALA A 139 20.74 -14.89 -11.79
C ALA A 139 20.09 -13.74 -12.50
N ALA A 140 20.05 -12.57 -11.87
CA ALA A 140 19.52 -11.38 -12.55
C ALA A 140 20.26 -10.98 -13.84
N GLN A 141 21.56 -11.27 -13.94
CA GLN A 141 22.34 -11.00 -15.18
C GLN A 141 21.83 -11.79 -16.38
N ILE A 142 21.27 -12.98 -16.12
CA ILE A 142 20.71 -13.79 -17.19
C ILE A 142 19.46 -13.08 -17.70
N THR A 143 18.60 -12.66 -16.78
CA THR A 143 17.46 -11.81 -17.12
C THR A 143 17.93 -10.55 -17.81
N GLN A 144 18.99 -9.92 -17.32
CA GLN A 144 19.45 -8.69 -17.99
C GLN A 144 19.80 -8.94 -19.46
N ARG A 145 20.47 -10.07 -19.75
CA ARG A 145 20.88 -10.39 -21.12
C ARG A 145 19.71 -10.69 -22.04
N LYS A 146 18.70 -11.40 -21.52
CA LYS A 146 17.46 -11.61 -22.27
C LYS A 146 16.77 -10.29 -22.61
N TRP A 147 16.71 -9.40 -21.61
CA TRP A 147 16.04 -8.11 -21.75
C TRP A 147 16.74 -7.13 -22.70
N GLU A 148 18.07 -7.13 -22.71
CA GLU A 148 18.80 -6.38 -23.75
C GLU A 148 18.57 -6.88 -25.18
N ALA A 149 18.43 -8.19 -25.35
CA ALA A 149 18.18 -8.80 -26.66
C ALA A 149 16.79 -8.45 -27.21
N ALA A 150 15.81 -8.31 -26.32
CA ALA A 150 14.47 -7.91 -26.73
C ALA A 150 14.30 -6.40 -26.74
N ARG A 151 15.37 -5.65 -26.46
CA ARG A 151 15.34 -4.17 -26.44
C ARG A 151 14.28 -3.63 -25.48
N VAL A 152 14.20 -4.24 -24.29
CA VAL A 152 13.15 -3.88 -23.31
C VAL A 152 13.26 -2.43 -22.83
N ALA A 153 14.47 -2.02 -22.47
CA ALA A 153 14.69 -0.67 -21.92
C ALA A 153 14.20 0.38 -22.92
N GLU A 154 14.44 0.12 -24.19
CA GLU A 154 14.07 1.06 -25.25
C GLU A 154 12.55 1.16 -25.33
N GLN A 155 11.91 0.00 -25.17
CA GLN A 155 10.45 -0.05 -25.16
C GLN A 155 9.90 0.65 -23.91
N LEU A 156 10.53 0.44 -22.75
CA LEU A 156 10.08 1.10 -21.52
C LEU A 156 10.25 2.61 -21.62
N ARG A 157 11.39 3.04 -22.14
CA ARG A 157 11.66 4.47 -22.22
C ARG A 157 10.56 5.13 -23.08
N ALA A 158 10.25 4.55 -24.25
CA ALA A 158 9.18 5.14 -25.10
C ALA A 158 7.82 5.18 -24.37
N TYR A 159 7.49 4.12 -23.65
CA TYR A 159 6.26 4.08 -22.85
C TYR A 159 6.25 5.12 -21.71
N LEU A 160 7.35 5.17 -20.92
CA LEU A 160 7.37 6.00 -19.71
C LEU A 160 7.35 7.49 -20.05
N GLU A 161 8.10 7.90 -21.07
CA GLU A 161 8.08 9.28 -21.55
C GLU A 161 6.86 9.66 -22.42
N GLY A 162 6.19 8.65 -22.96
CA GLY A 162 5.09 8.83 -23.92
C GLY A 162 3.74 8.46 -23.31
N LEU A 163 3.19 7.29 -23.64
CA LEU A 163 1.86 6.83 -23.12
C LEU A 163 1.63 6.96 -21.60
N CYS A 164 2.64 6.60 -20.78
CA CYS A 164 2.44 6.61 -19.32
C CYS A 164 2.01 8.00 -18.88
N VAL A 165 2.78 8.99 -19.35
CA VAL A 165 2.56 10.39 -19.00
C VAL A 165 1.22 10.89 -19.55
N GLU A 166 0.94 10.58 -20.80
CA GLU A 166 -0.28 11.04 -21.47
C GLU A 166 -1.52 10.47 -20.81
N TRP A 167 -1.51 9.19 -20.45
CA TRP A 167 -2.65 8.60 -19.76
C TRP A 167 -2.80 9.10 -18.30
N LEU A 168 -1.68 9.20 -17.56
CA LEU A 168 -1.70 9.83 -16.22
C LEU A 168 -2.40 11.19 -16.26
N ARG A 169 -2.00 12.04 -17.18
N ARG A 169 -1.96 12.04 -17.17
CA ARG A 169 -2.60 13.37 -17.34
CA ARG A 169 -2.56 13.36 -17.42
C ARG A 169 -4.08 13.35 -17.70
C ARG A 169 -4.07 13.29 -17.64
N ARG A 170 -4.51 12.32 -18.45
CA ARG A 170 -5.93 12.09 -18.72
C ARG A 170 -6.67 11.71 -17.44
N TYR A 171 -6.09 10.81 -16.67
CA TYR A 171 -6.75 10.35 -15.47
C TYR A 171 -6.90 11.55 -14.54
N LEU A 172 -5.85 12.35 -14.46
CA LEU A 172 -5.80 13.49 -13.54
C LEU A 172 -6.90 14.53 -13.89
N GLU A 173 -7.17 14.68 -15.18
CA GLU A 173 -8.23 15.58 -15.64
C GLU A 173 -9.61 14.94 -15.40
N ASN A 174 -9.81 13.68 -15.82
CA ASN A 174 -11.08 12.99 -15.53
C ASN A 174 -11.47 12.84 -14.06
N GLY A 175 -10.48 12.69 -13.18
CA GLY A 175 -10.74 12.51 -11.75
C GLY A 175 -10.32 13.73 -10.95
N LYS A 176 -10.26 14.89 -11.60
CA LYS A 176 -9.71 16.08 -10.96
C LYS A 176 -10.39 16.44 -9.65
N GLU A 177 -11.70 16.24 -9.54
CA GLU A 177 -12.41 16.59 -8.27
C GLU A 177 -11.87 15.83 -7.04
N THR A 178 -11.30 14.65 -7.24
CA THR A 178 -10.72 13.90 -6.12
C THR A 178 -9.19 13.84 -6.25
N LEU A 179 -8.70 13.43 -7.42
CA LEU A 179 -7.25 13.25 -7.60
C LEU A 179 -6.43 14.52 -7.36
N GLN A 180 -7.00 15.69 -7.69
CA GLN A 180 -6.28 16.98 -7.50
C GLN A 180 -6.85 17.80 -6.33
N ARG A 181 -7.55 17.13 -5.43
CA ARG A 181 -8.08 17.78 -4.22
C ARG A 181 -7.30 17.23 -3.05
N ALA A 182 -6.62 18.10 -2.31
CA ALA A 182 -6.02 17.70 -1.05
C ALA A 182 -6.95 17.99 0.12
N ASP A 183 -7.22 16.96 0.94
CA ASP A 183 -8.06 17.11 2.14
C ASP A 183 -7.15 17.19 3.36
N PRO A 184 -7.19 18.32 4.07
CA PRO A 184 -6.26 18.49 5.18
C PRO A 184 -6.64 17.58 6.36
N PRO A 185 -5.67 17.25 7.23
CA PRO A 185 -6.03 16.45 8.40
C PRO A 185 -6.94 17.20 9.37
N LYS A 186 -7.91 16.53 9.95
CA LYS A 186 -8.57 17.06 11.17
C LYS A 186 -7.72 16.59 12.34
N THR A 187 -7.38 17.47 13.26
CA THR A 187 -6.38 17.15 14.28
C THR A 187 -6.85 17.51 15.68
N HIS A 188 -6.44 16.70 16.68
CA HIS A 188 -6.59 17.03 18.12
C HIS A 188 -5.50 16.35 18.95
N VAL A 189 -5.45 16.66 20.25
CA VAL A 189 -4.46 16.15 21.18
C VAL A 189 -5.22 15.55 22.37
N THR A 190 -4.84 14.34 22.77
CA THR A 190 -5.45 13.67 23.92
C THR A 190 -4.43 13.47 25.03
N HIS A 191 -4.91 13.33 26.26
CA HIS A 191 -4.04 13.24 27.43
C HIS A 191 -4.55 12.07 28.25
N HIS A 192 -3.65 11.14 28.61
CA HIS A 192 -4.00 9.95 29.39
C HIS A 192 -2.93 9.66 30.44
N PRO A 193 -3.29 9.72 31.74
CA PRO A 193 -2.31 9.32 32.76
C PRO A 193 -1.84 7.88 32.58
N VAL A 194 -0.52 7.66 32.73
CA VAL A 194 0.07 6.31 32.76
C VAL A 194 0.48 5.93 34.21
N SER A 195 0.74 6.95 35.01
CA SER A 195 1.16 6.80 36.41
C SER A 195 0.85 8.14 37.10
N ASP A 196 1.21 8.29 38.36
N ASP A 196 1.29 8.28 38.35
CA ASP A 196 0.97 9.55 39.02
CA ASP A 196 1.06 9.49 39.14
C ASP A 196 1.81 10.65 38.35
C ASP A 196 2.00 10.64 38.75
N HIS A 197 3.05 10.32 38.00
CA HIS A 197 4.02 11.34 37.56
C HIS A 197 4.23 11.46 36.05
N GLU A 198 3.60 10.57 35.27
CA GLU A 198 3.67 10.66 33.81
C GLU A 198 2.31 10.54 33.10
N ALA A 199 2.20 11.21 31.95
CA ALA A 199 1.02 11.08 31.08
C ALA A 199 1.42 10.92 29.61
N THR A 200 0.50 10.38 28.82
CA THR A 200 0.68 10.24 27.37
C THR A 200 -0.03 11.39 26.63
N LEU A 201 0.72 12.13 25.83
CA LEU A 201 0.10 13.08 24.93
C LEU A 201 0.07 12.42 23.56
N ARG A 202 -1.12 12.31 22.95
CA ARG A 202 -1.23 11.73 21.62
C ARG A 202 -1.80 12.71 20.62
N CYS A 203 -1.02 12.98 19.57
CA CYS A 203 -1.42 13.91 18.53
C CYS A 203 -2.01 13.15 17.34
N TRP A 204 -3.29 13.44 17.05
CA TRP A 204 -4.08 12.74 16.05
C TRP A 204 -4.29 13.55 14.78
N ALA A 205 -4.13 12.87 13.63
CA ALA A 205 -4.43 13.39 12.28
C ALA A 205 -5.41 12.43 11.60
N LEU A 206 -6.59 12.91 11.20
CA LEU A 206 -7.63 12.08 10.54
C LEU A 206 -8.20 12.75 9.31
N GLY A 207 -8.73 11.95 8.39
CA GLY A 207 -9.43 12.45 7.22
C GLY A 207 -8.60 13.09 6.12
N PHE A 208 -7.28 12.90 6.13
CA PHE A 208 -6.42 13.53 5.12
C PHE A 208 -6.17 12.73 3.84
N TYR A 209 -5.86 13.43 2.75
CA TYR A 209 -5.50 12.83 1.45
C TYR A 209 -4.68 13.88 0.71
N PRO A 210 -3.50 13.52 0.14
CA PRO A 210 -2.98 12.16 0.04
C PRO A 210 -2.37 11.70 1.36
N ALA A 211 -1.80 10.49 1.37
CA ALA A 211 -1.25 9.87 2.59
C ALA A 211 -0.03 10.57 3.17
N GLU A 212 0.77 11.23 2.34
CA GLU A 212 1.97 11.94 2.80
C GLU A 212 1.63 13.01 3.87
N ILE A 213 2.25 12.90 5.05
CA ILE A 213 2.02 13.85 6.14
C ILE A 213 3.27 13.86 7.03
N THR A 214 3.53 14.93 7.75
CA THR A 214 4.53 14.86 8.82
C THR A 214 3.93 15.27 10.16
N LEU A 215 4.09 14.40 11.16
CA LEU A 215 3.62 14.64 12.51
C LEU A 215 4.82 14.50 13.41
N THR A 216 5.11 15.53 14.19
CA THR A 216 6.25 15.52 15.10
C THR A 216 5.86 16.17 16.43
N TRP A 217 6.46 15.70 17.54
CA TRP A 217 6.35 16.38 18.83
C TRP A 217 7.64 17.16 19.10
N GLN A 218 7.50 18.32 19.75
CA GLN A 218 8.65 19.09 20.26
C GLN A 218 8.51 19.34 21.76
N ARG A 219 9.65 19.34 22.44
CA ARG A 219 9.76 19.76 23.84
C ARG A 219 10.66 20.99 23.92
N ASP A 220 10.09 22.14 24.30
CA ASP A 220 10.77 23.44 24.24
C ASP A 220 11.30 23.75 22.83
N GLY A 221 10.47 23.51 21.80
CA GLY A 221 10.87 23.83 20.43
C GLY A 221 12.01 23.01 19.85
N GLU A 222 12.27 21.84 20.41
CA GLU A 222 13.19 20.88 19.78
C GLU A 222 12.60 19.48 19.57
N ASP A 223 12.91 18.89 18.42
CA ASP A 223 12.42 17.57 18.02
C ASP A 223 12.63 16.50 19.07
N GLN A 224 11.60 15.68 19.25
CA GLN A 224 11.63 14.58 20.19
C GLN A 224 11.62 13.25 19.46
N THR A 225 12.61 13.04 18.60
CA THR A 225 12.58 11.93 17.64
C THR A 225 12.63 10.53 18.26
N GLN A 226 13.61 10.29 19.11
CA GLN A 226 13.79 9.00 19.76
C GLN A 226 12.68 8.70 20.76
N ASP A 227 11.98 9.73 21.24
CA ASP A 227 10.95 9.54 22.28
C ASP A 227 9.48 9.51 21.81
N THR A 228 9.27 9.76 20.51
CA THR A 228 7.92 9.73 19.92
C THR A 228 7.56 8.33 19.45
N GLU A 229 6.41 7.80 19.90
CA GLU A 229 5.84 6.60 19.26
C GLU A 229 4.99 7.01 18.07
N LEU A 230 5.44 6.61 16.88
CA LEU A 230 4.90 7.03 15.61
C LEU A 230 4.28 5.81 14.91
N VAL A 231 2.95 5.81 14.78
CA VAL A 231 2.20 4.72 14.12
C VAL A 231 2.20 4.89 12.57
N GLU A 232 2.19 3.77 11.85
CA GLU A 232 2.19 3.78 10.38
C GLU A 232 0.90 4.44 9.88
N THR A 233 1.04 5.30 8.88
CA THR A 233 -0.13 5.92 8.25
C THR A 233 -1.04 4.78 7.76
N ARG A 234 -2.35 4.91 7.97
CA ARG A 234 -3.30 3.82 7.71
C ARG A 234 -4.55 4.27 6.96
N PRO A 235 -5.13 3.39 6.14
CA PRO A 235 -6.25 3.84 5.34
C PRO A 235 -7.55 3.80 6.18
N ALA A 236 -8.36 4.85 6.09
CA ALA A 236 -9.67 4.89 6.80
C ALA A 236 -10.70 4.00 6.12
N GLY A 237 -10.60 3.87 4.81
CA GLY A 237 -11.54 3.04 4.02
C GLY A 237 -12.46 3.86 3.11
N ASP A 238 -12.38 5.19 3.20
CA ASP A 238 -13.19 6.13 2.43
C ASP A 238 -12.27 7.02 1.54
N ARG A 239 -11.11 6.50 1.17
CA ARG A 239 -10.02 7.23 0.47
C ARG A 239 -9.07 7.95 1.39
N THR A 240 -9.52 8.38 2.56
CA THR A 240 -8.67 9.19 3.48
C THR A 240 -7.73 8.34 4.35
N PHE A 241 -6.77 8.98 5.01
CA PHE A 241 -5.78 8.27 5.83
C PHE A 241 -5.75 8.85 7.25
N GLN A 242 -5.14 8.10 8.17
CA GLN A 242 -5.04 8.43 9.60
C GLN A 242 -3.63 8.17 10.14
N LYS A 243 -3.20 8.96 11.13
CA LYS A 243 -1.89 8.79 11.73
C LYS A 243 -1.97 9.40 13.11
N TRP A 244 -1.19 8.89 14.06
CA TRP A 244 -0.98 9.59 15.33
C TRP A 244 0.47 9.51 15.76
N ALA A 245 0.87 10.42 16.65
CA ALA A 245 2.19 10.39 17.26
C ALA A 245 2.01 10.66 18.77
N ALA A 246 2.70 9.87 19.62
CA ALA A 246 2.59 10.04 21.07
C ALA A 246 3.95 10.20 21.80
N VAL A 247 3.91 10.93 22.92
CA VAL A 247 5.05 11.13 23.82
C VAL A 247 4.57 10.94 25.24
N VAL A 248 5.41 10.35 26.08
CA VAL A 248 5.12 10.27 27.50
C VAL A 248 5.86 11.39 28.20
N VAL A 249 5.11 12.24 28.93
CA VAL A 249 5.70 13.46 29.45
C VAL A 249 5.61 13.49 30.98
N PRO A 250 6.52 14.23 31.65
CA PRO A 250 6.27 14.43 33.10
C PRO A 250 5.04 15.30 33.37
N SER A 251 4.27 14.93 34.38
CA SER A 251 3.27 15.84 34.96
C SER A 251 4.00 16.94 35.73
N GLY A 252 3.60 18.22 35.62
CA GLY A 252 2.80 18.75 34.55
C GLY A 252 3.74 19.66 33.76
N GLU A 253 4.58 19.03 32.94
CA GLU A 253 5.37 19.75 31.95
C GLU A 253 4.67 19.74 30.61
N GLU A 254 3.35 19.50 30.64
CA GLU A 254 2.55 19.29 29.44
C GLU A 254 2.62 20.46 28.46
N GLN A 255 2.73 21.68 28.98
CA GLN A 255 2.72 22.88 28.16
C GLN A 255 4.05 23.14 27.45
N ARG A 256 5.08 22.36 27.76
CA ARG A 256 6.38 22.50 27.11
C ARG A 256 6.39 21.71 25.78
N TYR A 257 5.27 21.05 25.47
CA TYR A 257 5.19 20.09 24.37
C TYR A 257 4.26 20.59 23.30
N THR A 258 4.71 20.49 22.06
CA THR A 258 3.92 20.96 20.93
C THR A 258 3.91 19.94 19.81
N CYS A 259 2.73 19.71 19.25
CA CYS A 259 2.60 18.83 18.10
C CYS A 259 2.61 19.65 16.82
N HIS A 260 3.39 19.20 15.84
CA HIS A 260 3.55 19.91 14.57
C HIS A 260 3.06 19.05 13.40
N VAL A 261 2.20 19.65 12.59
CA VAL A 261 1.51 18.95 11.49
C VAL A 261 1.78 19.64 10.14
N GLN A 262 2.31 18.88 9.18
CA GLN A 262 2.48 19.38 7.82
C GLN A 262 1.76 18.45 6.83
N HIS A 263 1.01 19.03 5.91
CA HIS A 263 0.21 18.31 4.91
C HIS A 263 -0.14 19.26 3.78
N GLU A 264 -0.15 18.75 2.56
CA GLU A 264 -0.48 19.56 1.40
C GLU A 264 -1.87 20.22 1.48
N GLY A 265 -2.81 19.63 2.20
CA GLY A 265 -4.17 20.16 2.27
C GLY A 265 -4.36 21.42 3.12
N LEU A 266 -3.35 21.75 3.90
CA LEU A 266 -3.51 22.76 4.93
C LEU A 266 -3.26 24.17 4.38
N PRO A 267 -4.08 25.15 4.79
CA PRO A 267 -3.68 26.57 4.60
C PRO A 267 -2.24 26.83 5.13
N LYS A 268 -1.99 26.44 6.38
CA LYS A 268 -0.70 26.67 7.05
C LYS A 268 -0.30 25.46 7.92
N PRO A 269 1.03 25.18 8.07
CA PRO A 269 1.44 24.17 9.06
C PRO A 269 0.78 24.45 10.41
N LEU A 270 0.44 23.40 11.14
CA LEU A 270 -0.24 23.58 12.41
C LEU A 270 0.70 23.32 13.60
N THR A 271 0.46 24.06 14.67
CA THR A 271 1.11 23.81 15.95
C THR A 271 -0.01 23.62 16.96
N LEU A 272 -0.09 22.44 17.55
CA LEU A 272 -1.13 22.19 18.55
C LEU A 272 -0.54 21.80 19.91
N ARG A 273 -1.36 22.00 20.94
CA ARG A 273 -1.00 21.74 22.35
C ARG A 273 -2.16 20.96 22.97
N TRP A 274 -1.90 20.22 24.05
CA TRP A 274 -2.98 19.74 24.89
C TRP A 274 -3.74 20.92 25.53
N GLU A 275 -5.06 20.89 25.38
CA GLU A 275 -5.94 21.92 25.87
C GLU A 275 -6.83 21.29 26.91
N PRO A 276 -6.42 21.41 28.20
CA PRO A 276 -7.04 20.71 29.33
C PRO A 276 -8.54 20.96 29.47
N MET B 1 14.68 -18.57 2.85
CA MET B 1 13.87 -17.42 2.37
C MET B 1 13.78 -16.39 3.49
N ILE B 2 13.83 -15.13 3.10
CA ILE B 2 13.57 -14.05 4.05
C ILE B 2 12.06 -13.78 4.11
N GLN B 3 11.52 -13.83 5.33
CA GLN B 3 10.11 -13.64 5.60
C GLN B 3 9.94 -12.45 6.56
N ARG B 4 8.82 -11.74 6.48
CA ARG B 4 8.58 -10.56 7.32
C ARG B 4 7.22 -10.72 7.98
N THR B 5 7.13 -10.41 9.26
CA THR B 5 5.91 -10.66 10.00
C THR B 5 4.98 -9.46 9.90
N PRO B 6 3.64 -9.67 9.90
CA PRO B 6 2.82 -8.48 9.70
C PRO B 6 2.72 -7.54 10.88
N LYS B 7 2.64 -6.24 10.61
CA LYS B 7 2.17 -5.27 11.58
C LYS B 7 0.65 -5.27 11.49
N ILE B 8 -0.01 -4.99 12.60
CA ILE B 8 -1.47 -5.12 12.72
C ILE B 8 -2.00 -3.86 13.40
N GLN B 9 -2.95 -3.16 12.76
CA GLN B 9 -3.70 -2.10 13.46
C GLN B 9 -5.19 -2.28 13.35
N VAL B 10 -5.87 -2.06 14.46
CA VAL B 10 -7.33 -2.22 14.58
C VAL B 10 -7.97 -0.90 14.99
N TYR B 11 -8.93 -0.41 14.23
CA TYR B 11 -9.38 0.96 14.45
C TYR B 11 -10.66 1.19 13.67
N SER B 12 -11.35 2.29 13.94
CA SER B 12 -12.60 2.55 13.23
C SER B 12 -12.41 3.58 12.13
N ARG B 13 -13.25 3.55 11.10
CA ARG B 13 -13.17 4.56 10.05
C ARG B 13 -13.41 5.99 10.56
N HIS B 14 -14.43 6.13 11.41
CA HIS B 14 -14.81 7.42 12.01
C HIS B 14 -14.61 7.35 13.52
N PRO B 15 -14.46 8.53 14.20
CA PRO B 15 -14.38 8.53 15.67
C PRO B 15 -15.52 7.67 16.24
N ALA B 16 -15.22 6.80 17.22
CA ALA B 16 -16.24 5.87 17.68
C ALA B 16 -17.29 6.52 18.60
N GLU B 17 -18.56 6.23 18.35
CA GLU B 17 -19.65 6.76 19.17
C GLU B 17 -20.72 5.66 19.36
N ASN B 18 -20.98 5.29 20.61
CA ASN B 18 -21.91 4.19 20.92
C ASN B 18 -23.28 4.34 20.26
N GLY B 19 -23.78 3.26 19.67
CA GLY B 19 -25.03 3.27 18.94
C GLY B 19 -25.01 3.96 17.57
N LYS B 20 -23.86 4.49 17.15
CA LYS B 20 -23.74 5.05 15.79
C LYS B 20 -23.00 4.10 14.83
N SER B 21 -23.60 3.81 13.68
CA SER B 21 -23.01 2.91 12.69
C SER B 21 -21.67 3.47 12.18
N ASN B 22 -20.71 2.59 11.90
CA ASN B 22 -19.32 2.98 11.63
C ASN B 22 -18.68 1.82 10.83
N PHE B 23 -17.35 1.87 10.61
CA PHE B 23 -16.64 0.72 10.05
C PHE B 23 -15.50 0.30 10.92
N LEU B 24 -15.35 -1.01 11.07
CA LEU B 24 -14.26 -1.59 11.83
C LEU B 24 -13.20 -2.05 10.85
N ASN B 25 -11.98 -1.52 10.98
CA ASN B 25 -10.83 -1.81 10.07
C ASN B 25 -9.77 -2.62 10.75
N CYS B 26 -9.17 -3.53 10.02
CA CYS B 26 -7.94 -4.18 10.45
C CYS B 26 -6.99 -4.05 9.27
N TYR B 27 -5.91 -3.32 9.49
CA TYR B 27 -4.90 -3.05 8.47
C TYR B 27 -3.70 -3.91 8.79
N VAL B 28 -3.35 -4.81 7.87
CA VAL B 28 -2.11 -5.61 8.03
C VAL B 28 -1.08 -5.17 7.05
N SER B 29 0.16 -5.00 7.49
CA SER B 29 1.16 -4.49 6.58
C SER B 29 2.57 -4.95 6.92
N GLY B 30 3.51 -4.65 6.01
CA GLY B 30 4.91 -5.03 6.17
C GLY B 30 5.20 -6.52 6.14
N PHE B 31 4.28 -7.34 5.60
CA PHE B 31 4.50 -8.79 5.61
C PHE B 31 4.97 -9.37 4.26
N HIS B 32 5.61 -10.51 4.33
CA HIS B 32 6.05 -11.24 3.13
C HIS B 32 6.31 -12.70 3.56
N PRO B 33 5.83 -13.70 2.80
CA PRO B 33 5.07 -13.69 1.55
C PRO B 33 3.62 -13.21 1.74
N SER B 34 2.85 -13.21 0.65
CA SER B 34 1.55 -12.55 0.66
C SER B 34 0.41 -13.35 1.31
N ASP B 35 0.50 -14.69 1.36
CA ASP B 35 -0.60 -15.44 1.98
C ASP B 35 -0.77 -15.06 3.45
N ILE B 36 -2.01 -14.79 3.87
CA ILE B 36 -2.30 -14.33 5.22
C ILE B 36 -3.77 -14.66 5.50
N GLU B 37 -4.11 -14.97 6.75
CA GLU B 37 -5.52 -15.07 7.14
C GLU B 37 -5.89 -14.05 8.22
N VAL B 38 -6.92 -13.28 7.94
CA VAL B 38 -7.35 -12.22 8.83
C VAL B 38 -8.85 -12.42 9.05
N ASP B 39 -9.27 -12.48 10.31
CA ASP B 39 -10.69 -12.41 10.66
C ASP B 39 -10.94 -11.23 11.59
N LEU B 40 -12.14 -10.67 11.54
CA LEU B 40 -12.57 -9.69 12.52
C LEU B 40 -13.43 -10.43 13.55
N LEU B 41 -13.27 -10.11 14.83
CA LEU B 41 -14.02 -10.78 15.90
C LEU B 41 -14.93 -9.84 16.66
N LYS B 42 -16.13 -10.32 16.99
CA LYS B 42 -17.04 -9.66 17.94
C LYS B 42 -17.28 -10.64 19.10
N ASN B 43 -16.87 -10.23 20.31
CA ASN B 43 -16.80 -11.07 21.50
C ASN B 43 -16.31 -12.48 21.21
N GLY B 44 -15.11 -12.58 20.64
CA GLY B 44 -14.50 -13.87 20.29
C GLY B 44 -15.01 -14.55 19.02
N GLU B 45 -16.23 -14.23 18.58
CA GLU B 45 -16.82 -14.92 17.41
C GLU B 45 -16.46 -14.28 16.06
N ARG B 46 -16.18 -15.10 15.06
CA ARG B 46 -15.82 -14.63 13.70
C ARG B 46 -16.97 -13.87 13.01
N ILE B 47 -16.74 -12.62 12.60
CA ILE B 47 -17.76 -11.83 11.90
C ILE B 47 -17.87 -12.33 10.46
N GLU B 48 -19.09 -12.52 9.98
CA GLU B 48 -19.29 -13.17 8.70
C GLU B 48 -18.88 -12.33 7.50
N LYS B 49 -19.50 -11.17 7.29
CA LYS B 49 -19.43 -10.55 5.95
C LYS B 49 -18.24 -9.62 5.61
N VAL B 50 -17.07 -9.88 6.21
CA VAL B 50 -15.90 -9.00 6.10
C VAL B 50 -15.39 -8.85 4.64
N GLU B 51 -15.03 -7.64 4.24
CA GLU B 51 -14.47 -7.40 2.92
C GLU B 51 -13.00 -7.00 3.07
N HIS B 52 -12.28 -7.01 1.96
CA HIS B 52 -10.88 -6.65 1.98
C HIS B 52 -10.44 -6.01 0.68
N SER B 53 -9.39 -5.19 0.78
CA SER B 53 -8.80 -4.51 -0.35
C SER B 53 -8.02 -5.48 -1.25
N ASP B 54 -7.79 -5.07 -2.50
CA ASP B 54 -6.95 -5.85 -3.41
C ASP B 54 -5.48 -5.83 -2.99
N LEU B 55 -4.84 -6.97 -3.16
CA LEU B 55 -3.42 -7.17 -2.81
C LEU B 55 -2.50 -6.16 -3.48
N SER B 56 -1.84 -5.33 -2.68
CA SER B 56 -0.83 -4.44 -3.21
C SER B 56 0.40 -4.48 -2.31
N PHE B 57 1.43 -3.72 -2.65
CA PHE B 57 2.67 -3.71 -1.84
C PHE B 57 3.36 -2.34 -1.81
N SER B 58 4.19 -2.13 -0.80
CA SER B 58 4.88 -0.88 -0.56
C SER B 58 6.22 -0.87 -1.30
N LYS B 59 6.92 0.25 -1.23
CA LYS B 59 8.23 0.40 -1.94
C LYS B 59 9.28 -0.61 -1.50
N ASP B 60 9.16 -1.14 -0.28
CA ASP B 60 10.12 -2.15 0.19
C ASP B 60 9.68 -3.56 -0.18
N TRP B 61 8.71 -3.68 -1.10
CA TRP B 61 8.15 -4.97 -1.52
C TRP B 61 7.20 -5.68 -0.52
N SER B 62 7.01 -5.14 0.70
CA SER B 62 6.09 -5.78 1.62
C SER B 62 4.63 -5.50 1.27
N PHE B 63 3.82 -6.51 1.48
CA PHE B 63 2.40 -6.52 1.19
C PHE B 63 1.60 -5.78 2.27
N TYR B 64 0.44 -5.27 1.88
CA TYR B 64 -0.56 -4.75 2.85
C TYR B 64 -2.00 -4.97 2.38
N LEU B 65 -2.94 -5.11 3.31
CA LEU B 65 -4.36 -5.32 2.98
C LEU B 65 -5.17 -4.62 4.06
N LEU B 66 -6.32 -4.09 3.66
CA LEU B 66 -7.29 -3.58 4.62
C LEU B 66 -8.49 -4.54 4.64
N TYR B 67 -8.81 -5.05 5.84
CA TYR B 67 -10.08 -5.76 6.09
C TYR B 67 -11.04 -4.86 6.83
N TYR B 68 -12.31 -4.90 6.42
CA TYR B 68 -13.30 -4.00 7.00
C TYR B 68 -14.69 -4.58 6.99
N THR B 69 -15.50 -4.10 7.94
CA THR B 69 -16.90 -4.48 8.01
C THR B 69 -17.69 -3.38 8.71
N GLU B 70 -18.94 -3.22 8.31
CA GLU B 70 -19.87 -2.33 9.03
C GLU B 70 -20.09 -2.80 10.47
N PHE B 71 -20.15 -1.86 11.41
CA PHE B 71 -20.48 -2.22 12.79
C PHE B 71 -21.00 -1.05 13.62
N THR B 72 -21.75 -1.40 14.67
CA THR B 72 -22.26 -0.40 15.60
C THR B 72 -21.68 -0.62 16.98
N PRO B 73 -20.67 0.21 17.37
CA PRO B 73 -19.95 0.04 18.62
C PRO B 73 -20.86 0.34 19.80
N THR B 74 -20.65 -0.36 20.91
CA THR B 74 -21.47 -0.21 22.11
C THR B 74 -20.49 -0.14 23.26
N GLU B 75 -20.97 0.16 24.47
CA GLU B 75 -20.06 0.32 25.61
C GLU B 75 -19.37 -0.99 25.91
N LYS B 76 -20.04 -2.11 25.66
CA LYS B 76 -19.52 -3.38 26.17
C LYS B 76 -19.34 -4.58 25.18
N ASP B 77 -19.64 -4.38 23.90
CA ASP B 77 -19.20 -5.35 22.89
C ASP B 77 -17.70 -5.18 22.68
N GLU B 78 -16.98 -6.31 22.63
CA GLU B 78 -15.53 -6.29 22.44
C GLU B 78 -15.23 -6.69 21.00
N TYR B 79 -14.31 -5.96 20.39
CA TYR B 79 -13.90 -6.23 19.01
C TYR B 79 -12.42 -6.47 18.94
N ALA B 80 -12.00 -7.28 17.98
CA ALA B 80 -10.60 -7.65 17.82
C ALA B 80 -10.29 -8.06 16.38
N CYS B 81 -9.01 -8.17 16.05
CA CYS B 81 -8.59 -8.70 14.77
C CYS B 81 -7.70 -9.92 15.00
N ARG B 82 -8.00 -11.02 14.34
CA ARG B 82 -7.16 -12.22 14.47
C ARG B 82 -6.39 -12.48 13.17
N VAL B 83 -5.07 -12.54 13.30
CA VAL B 83 -4.18 -12.68 12.15
C VAL B 83 -3.29 -13.92 12.23
N ASN B 84 -3.25 -14.71 11.16
CA ASN B 84 -2.23 -15.75 11.01
C ASN B 84 -1.40 -15.60 9.72
N HIS B 85 -0.12 -15.94 9.83
CA HIS B 85 0.85 -15.79 8.76
C HIS B 85 1.95 -16.84 8.96
N VAL B 86 2.63 -17.26 7.89
CA VAL B 86 3.69 -18.28 8.05
C VAL B 86 4.70 -17.93 9.15
N THR B 87 5.05 -16.65 9.26
CA THR B 87 5.95 -16.20 10.34
C THR B 87 5.42 -16.32 11.77
N LEU B 88 4.11 -16.57 11.97
CA LEU B 88 3.55 -16.65 13.35
C LEU B 88 3.26 -18.09 13.83
N SER B 89 3.67 -18.40 15.06
CA SER B 89 3.51 -19.75 15.65
C SER B 89 2.03 -20.08 15.84
N GLN B 90 1.28 -19.11 16.34
CA GLN B 90 -0.16 -19.26 16.56
C GLN B 90 -0.80 -17.91 16.25
N PRO B 91 -2.12 -17.87 15.96
CA PRO B 91 -2.64 -16.60 15.50
C PRO B 91 -2.39 -15.45 16.48
N LYS B 92 -2.29 -14.22 15.97
CA LYS B 92 -2.21 -13.04 16.83
C LYS B 92 -3.54 -12.31 16.91
N ILE B 93 -3.95 -11.99 18.13
CA ILE B 93 -5.16 -11.23 18.34
C ILE B 93 -4.78 -9.82 18.80
N VAL B 94 -5.29 -8.82 18.10
CA VAL B 94 -5.12 -7.43 18.51
C VAL B 94 -6.52 -6.89 18.80
N LYS B 95 -6.70 -6.34 19.99
CA LYS B 95 -8.02 -5.85 20.42
C LYS B 95 -8.28 -4.44 19.89
N TRP B 96 -9.53 -4.14 19.57
CA TRP B 96 -9.89 -2.77 19.20
C TRP B 96 -9.90 -1.88 20.44
N ASP B 97 -9.14 -0.79 20.37
CA ASP B 97 -9.08 0.21 21.41
C ASP B 97 -9.37 1.58 20.78
N ARG B 98 -10.36 2.27 21.33
CA ARG B 98 -10.90 3.54 20.82
C ARG B 98 -9.89 4.67 20.73
N ASP B 99 -8.91 4.65 21.64
CA ASP B 99 -7.84 5.64 21.73
C ASP B 99 -6.58 5.23 20.98
N MET B 100 -6.70 4.29 20.05
CA MET B 100 -5.51 3.73 19.36
C MET B 100 -5.63 3.66 17.82
N LEU C 1 -2.83 3.68 -18.15
CA LEU C 1 -2.72 2.53 -19.11
C LEU C 1 -1.38 1.82 -18.88
N PRO C 2 -1.41 0.47 -18.78
CA PRO C 2 -0.17 -0.29 -18.47
C PRO C 2 0.77 -0.49 -19.67
N PHE C 3 1.99 -0.90 -19.38
CA PHE C 3 3.02 -1.19 -20.38
C PHE C 3 2.54 -2.36 -21.20
N GLU C 4 2.73 -2.26 -22.51
CA GLU C 4 2.06 -3.13 -23.46
C GLU C 4 2.78 -4.46 -23.68
N ARG C 5 4.10 -4.46 -23.54
CA ARG C 5 4.91 -5.68 -23.73
C ARG C 5 5.14 -6.48 -22.44
N ALA C 6 5.00 -7.79 -22.58
CA ALA C 6 5.40 -8.74 -21.53
C ALA C 6 6.71 -9.36 -22.01
N THR C 7 7.74 -9.44 -21.16
CA THR C 7 8.95 -10.17 -21.58
C THR C 7 9.45 -11.18 -20.54
N ILE C 8 9.55 -12.43 -21.00
CA ILE C 8 10.00 -13.54 -20.16
C ILE C 8 11.37 -13.23 -19.53
N MET C 9 11.50 -13.51 -18.24
CA MET C 9 12.72 -13.20 -17.49
C MET C 9 13.70 -14.36 -17.59
#